data_2MSA
# 
_entry.id   2MSA 
# 
_audit_conform.dict_name       mmcif_pdbx.dic 
_audit_conform.dict_version    5.399 
_audit_conform.dict_location   http://mmcif.pdb.org/dictionaries/ascii/mmcif_pdbx.dic 
# 
loop_
_database_2.database_id 
_database_2.database_code 
_database_2.pdbx_database_accession 
_database_2.pdbx_DOI 
PDB   2MSA         pdb_00002msa 10.2210/pdb2msa/pdb 
RCSB  RCSB103991   ?            ?                   
BMRB  25112        ?            10.13018/BMR25112   
WWPDB D_1000103991 ?            ?                   
# 
loop_
_pdbx_audit_revision_history.ordinal 
_pdbx_audit_revision_history.data_content_type 
_pdbx_audit_revision_history.major_revision 
_pdbx_audit_revision_history.minor_revision 
_pdbx_audit_revision_history.revision_date 
1 'Structure model' 1 0 2014-09-03 
2 'Structure model' 1 1 2023-06-14 
3 'Structure model' 1 2 2024-11-20 
# 
_pdbx_audit_revision_details.ordinal             1 
_pdbx_audit_revision_details.revision_ordinal    1 
_pdbx_audit_revision_details.data_content_type   'Structure model' 
_pdbx_audit_revision_details.provider            repository 
_pdbx_audit_revision_details.type                'Initial release' 
_pdbx_audit_revision_details.description         ? 
_pdbx_audit_revision_details.details             ? 
# 
loop_
_pdbx_audit_revision_group.ordinal 
_pdbx_audit_revision_group.revision_ordinal 
_pdbx_audit_revision_group.data_content_type 
_pdbx_audit_revision_group.group 
1 2 'Structure model' 'Data collection'      
2 2 'Structure model' 'Database references'  
3 2 'Structure model' 'Derived calculations' 
4 2 'Structure model' Other                  
5 3 'Structure model' 'Data collection'      
6 3 'Structure model' 'Database references'  
7 3 'Structure model' 'Structure summary'    
# 
loop_
_pdbx_audit_revision_category.ordinal 
_pdbx_audit_revision_category.revision_ordinal 
_pdbx_audit_revision_category.data_content_type 
_pdbx_audit_revision_category.category 
1 2 'Structure model' database_2                
2 2 'Structure model' pdbx_database_status      
3 2 'Structure model' pdbx_nmr_software         
4 2 'Structure model' struct_conn               
5 3 'Structure model' chem_comp_atom            
6 3 'Structure model' chem_comp_bond            
7 3 'Structure model' database_2                
8 3 'Structure model' pdbx_entry_details        
9 3 'Structure model' pdbx_modification_feature 
# 
loop_
_pdbx_audit_revision_item.ordinal 
_pdbx_audit_revision_item.revision_ordinal 
_pdbx_audit_revision_item.data_content_type 
_pdbx_audit_revision_item.item 
1 2 'Structure model' '_database_2.pdbx_DOI'                       
2 2 'Structure model' '_database_2.pdbx_database_accession'        
3 2 'Structure model' '_pdbx_database_status.status_code_nmr_data' 
4 2 'Structure model' '_pdbx_nmr_software.name'                    
5 2 'Structure model' '_struct_conn.pdbx_leaving_atom_flag'        
6 3 'Structure model' '_database_2.pdbx_DOI'                       
# 
_pdbx_database_status.deposit_site                    BMRB 
_pdbx_database_status.entry_id                        2MSA 
_pdbx_database_status.process_site                    RCSB 
_pdbx_database_status.recvd_initial_deposition_date   2014-07-28 
_pdbx_database_status.SG_entry                        ? 
_pdbx_database_status.status_code                     REL 
_pdbx_database_status.status_code_mr                  REL 
_pdbx_database_status.status_code_sf                  ? 
_pdbx_database_status.status_code_cs                  REL 
_pdbx_database_status.methods_development_category    ? 
_pdbx_database_status.pdb_format_compatible           Y 
_pdbx_database_status.status_code_nmr_data            REL 
# 
_pdbx_database_related.db_id          25112 
_pdbx_database_related.db_name        BMRB 
_pdbx_database_related.content_type   unspecified 
_pdbx_database_related.details        . 
# 
loop_
_audit_author.name 
_audit_author.pdbx_ordinal 
'Adriana, B.'  1 
'Magnolia, V.' 2 
'Manuel, P.E.' 3 
# 
_citation.id                        primary 
_citation.title                     
;Structural and immunological analysis of circumsporozoite protein peptides: a further step in the identification of potential components of a minimal subunit-based, chemically synthesised antimalarial vaccine.
;
_citation.journal_abbrev            Vaccine 
_citation.journal_volume            26 
_citation.page_first                6908 
_citation.page_last                 6918 
_citation.year                      2008 
_citation.journal_id_ASTM           ? 
_citation.country                   NE 
_citation.journal_id_ISSN           0264-410X 
_citation.journal_id_CSD            ? 
_citation.book_publisher            ? 
_citation.pdbx_database_id_PubMed   18930095 
_citation.pdbx_database_id_DOI      10.1016/j.vaccine.2008.09.071 
# 
loop_
_citation_author.citation_id 
_citation_author.name 
_citation_author.ordinal 
_citation_author.identifier_ORCID 
primary 'Bermudez, A.'    1 ? 
primary 'Vanegas, M.'     2 ? 
primary 'Patarroyo, M.E.' 3 ? 
# 
_entity.id                         1 
_entity.type                       polymer 
_entity.src_method                 syn 
_entity.pdbx_description           'Circumsporozoite protein peptide' 
_entity.formula_weight             1487.574 
_entity.pdbx_number_of_molecules   1 
_entity.pdbx_ec                    ? 
_entity.pdbx_mutation              ? 
_entity.pdbx_fragment              ? 
_entity.details                    ? 
# 
_entity_poly.entity_id                      1 
_entity_poly.type                           'polypeptide(L)' 
_entity_poly.nstd_linkage                   no 
_entity_poly.nstd_monomer                   yes 
_entity_poly.pdbx_seq_one_letter_code       'KNSFSLGENPNANP(NH2)' 
_entity_poly.pdbx_seq_one_letter_code_can   KNSFSLGENPNANPX 
_entity_poly.pdbx_strand_id                 A 
_entity_poly.pdbx_target_identifier         ? 
# 
loop_
_entity_poly_seq.entity_id 
_entity_poly_seq.num 
_entity_poly_seq.mon_id 
_entity_poly_seq.hetero 
1 1  LYS n 
1 2  ASN n 
1 3  SER n 
1 4  PHE n 
1 5  SER n 
1 6  LEU n 
1 7  GLY n 
1 8  GLU n 
1 9  ASN n 
1 10 PRO n 
1 11 ASN n 
1 12 ALA n 
1 13 ASN n 
1 14 PRO n 
1 15 NH2 n 
# 
_pdbx_entity_src_syn.entity_id              1 
_pdbx_entity_src_syn.pdbx_src_id            1 
_pdbx_entity_src_syn.pdbx_alt_source_flag   sample 
_pdbx_entity_src_syn.pdbx_beg_seq_num       ? 
_pdbx_entity_src_syn.pdbx_end_seq_num       ? 
_pdbx_entity_src_syn.organism_scientific    'Plasmodium falciparum' 
_pdbx_entity_src_syn.organism_common_name   ? 
_pdbx_entity_src_syn.ncbi_taxonomy_id       5833 
_pdbx_entity_src_syn.details                ? 
# 
loop_
_chem_comp.id 
_chem_comp.type 
_chem_comp.mon_nstd_flag 
_chem_comp.name 
_chem_comp.pdbx_synonyms 
_chem_comp.formula 
_chem_comp.formula_weight 
ALA 'L-peptide linking' y ALANINE         ? 'C3 H7 N O2'     89.093  
ASN 'L-peptide linking' y ASPARAGINE      ? 'C4 H8 N2 O3'    132.118 
GLU 'L-peptide linking' y 'GLUTAMIC ACID' ? 'C5 H9 N O4'     147.129 
GLY 'peptide linking'   y GLYCINE         ? 'C2 H5 N O2'     75.067  
LEU 'L-peptide linking' y LEUCINE         ? 'C6 H13 N O2'    131.173 
LYS 'L-peptide linking' y LYSINE          ? 'C6 H15 N2 O2 1' 147.195 
NH2 non-polymer         . 'AMINO GROUP'   ? 'H2 N'           16.023  
PHE 'L-peptide linking' y PHENYLALANINE   ? 'C9 H11 N O2'    165.189 
PRO 'L-peptide linking' y PROLINE         ? 'C5 H9 N O2'     115.130 
SER 'L-peptide linking' y SERINE          ? 'C3 H7 N O3'     105.093 
# 
loop_
_pdbx_poly_seq_scheme.asym_id 
_pdbx_poly_seq_scheme.entity_id 
_pdbx_poly_seq_scheme.seq_id 
_pdbx_poly_seq_scheme.mon_id 
_pdbx_poly_seq_scheme.ndb_seq_num 
_pdbx_poly_seq_scheme.pdb_seq_num 
_pdbx_poly_seq_scheme.auth_seq_num 
_pdbx_poly_seq_scheme.pdb_mon_id 
_pdbx_poly_seq_scheme.auth_mon_id 
_pdbx_poly_seq_scheme.pdb_strand_id 
_pdbx_poly_seq_scheme.pdb_ins_code 
_pdbx_poly_seq_scheme.hetero 
A 1 1  LYS 1  1  1  LYS LYS A . n 
A 1 2  ASN 2  2  2  ASN ASN A . n 
A 1 3  SER 3  3  3  SER SER A . n 
A 1 4  PHE 4  4  4  PHE PHE A . n 
A 1 5  SER 5  5  5  SER SER A . n 
A 1 6  LEU 6  6  6  LEU LEU A . n 
A 1 7  GLY 7  7  7  GLY GLY A . n 
A 1 8  GLU 8  8  8  GLU GLU A . n 
A 1 9  ASN 9  9  9  ASN ASN A . n 
A 1 10 PRO 10 10 10 PRO PRO A . n 
A 1 11 ASN 11 11 11 ASN ASN A . n 
A 1 12 ALA 12 12 12 ALA ALA A . n 
A 1 13 ASN 13 13 13 ASN ASN A . n 
A 1 14 PRO 14 14 14 PRO PRO A . n 
A 1 15 NH2 15 15 15 NH2 NH2 A . n 
# 
_exptl.absorpt_coefficient_mu     ? 
_exptl.absorpt_correction_T_max   ? 
_exptl.absorpt_correction_T_min   ? 
_exptl.absorpt_correction_type    ? 
_exptl.absorpt_process_details    ? 
_exptl.crystals_number            ? 
_exptl.details                    
;Peptide synthetic modified derived of N-terminal and central region of Circumsporozoite protein (CSP)from Plasmodium falciparum.   
The person responsible for the deposition is a chemist with wide experience in NMR in solution of peptides synthetics.
;
_exptl.entry_id                   2MSA 
_exptl.method                     'SOLUTION NMR' 
_exptl.method_details             ? 
# 
_struct.entry_id                  2MSA 
_struct.title                     
;Structural and immunological analysis of circumsporozoite protein peptides: a further step in the identification of potential components of a minimal subunit-based, chemically synthesised antimalarial vaccine.
;
_struct.pdbx_model_details        'lowest energy, model37' 
_struct.pdbx_CASP_flag            ? 
_struct.pdbx_model_type_details   ? 
# 
_struct_keywords.entry_id        2MSA 
_struct_keywords.pdbx_keywords   'CELL INVASION' 
_struct_keywords.text            'Clasic turn type II, CELL INVASION' 
# 
_struct_asym.id                            A 
_struct_asym.pdbx_blank_PDB_chainid_flag   N 
_struct_asym.pdbx_modified                 N 
_struct_asym.entity_id                     1 
_struct_asym.details                       ? 
# 
_struct_ref.id                         1 
_struct_ref.db_name                    PDB 
_struct_ref.db_code                    2MSA 
_struct_ref.pdbx_db_accession          2MSA 
_struct_ref.entity_id                  1 
_struct_ref.pdbx_align_begin           ? 
_struct_ref.pdbx_seq_one_letter_code   ? 
_struct_ref.pdbx_db_isoform            ? 
# 
_struct_ref_seq.align_id                      1 
_struct_ref_seq.ref_id                        1 
_struct_ref_seq.pdbx_PDB_id_code              2MSA 
_struct_ref_seq.pdbx_strand_id                A 
_struct_ref_seq.seq_align_beg                 1 
_struct_ref_seq.pdbx_seq_align_beg_ins_code   ? 
_struct_ref_seq.seq_align_end                 15 
_struct_ref_seq.pdbx_seq_align_end_ins_code   ? 
_struct_ref_seq.pdbx_db_accession             2MSA 
_struct_ref_seq.db_align_beg                  1 
_struct_ref_seq.pdbx_db_align_beg_ins_code    ? 
_struct_ref_seq.db_align_end                  15 
_struct_ref_seq.pdbx_db_align_end_ins_code    ? 
_struct_ref_seq.pdbx_auth_seq_align_beg       1 
_struct_ref_seq.pdbx_auth_seq_align_end       15 
# 
_pdbx_struct_assembly.id                   1 
_pdbx_struct_assembly.details              author_defined_assembly 
_pdbx_struct_assembly.method_details       ? 
_pdbx_struct_assembly.oligomeric_details   monomeric 
_pdbx_struct_assembly.oligomeric_count     1 
# 
_pdbx_struct_assembly_gen.assembly_id       1 
_pdbx_struct_assembly_gen.oper_expression   1 
_pdbx_struct_assembly_gen.asym_id_list      A 
# 
_pdbx_struct_oper_list.id                   1 
_pdbx_struct_oper_list.type                 'identity operation' 
_pdbx_struct_oper_list.name                 1_555 
_pdbx_struct_oper_list.symmetry_operation   x,y,z 
_pdbx_struct_oper_list.matrix[1][1]         1.0000000000 
_pdbx_struct_oper_list.matrix[1][2]         0.0000000000 
_pdbx_struct_oper_list.matrix[1][3]         0.0000000000 
_pdbx_struct_oper_list.vector[1]            0.0000000000 
_pdbx_struct_oper_list.matrix[2][1]         0.0000000000 
_pdbx_struct_oper_list.matrix[2][2]         1.0000000000 
_pdbx_struct_oper_list.matrix[2][3]         0.0000000000 
_pdbx_struct_oper_list.vector[2]            0.0000000000 
_pdbx_struct_oper_list.matrix[3][1]         0.0000000000 
_pdbx_struct_oper_list.matrix[3][2]         0.0000000000 
_pdbx_struct_oper_list.matrix[3][3]         1.0000000000 
_pdbx_struct_oper_list.vector[3]            0.0000000000 
# 
_struct_biol.id        1 
_struct_biol.details   ? 
# 
_struct_conn.id                            covale1 
_struct_conn.conn_type_id                  covale 
_struct_conn.pdbx_leaving_atom_flag        both 
_struct_conn.pdbx_PDB_id                   ? 
_struct_conn.ptnr1_label_asym_id           A 
_struct_conn.ptnr1_label_comp_id           PRO 
_struct_conn.ptnr1_label_seq_id            14 
_struct_conn.ptnr1_label_atom_id           C 
_struct_conn.pdbx_ptnr1_label_alt_id       ? 
_struct_conn.pdbx_ptnr1_PDB_ins_code       ? 
_struct_conn.pdbx_ptnr1_standard_comp_id   ? 
_struct_conn.ptnr1_symmetry                1_555 
_struct_conn.ptnr2_label_asym_id           A 
_struct_conn.ptnr2_label_comp_id           NH2 
_struct_conn.ptnr2_label_seq_id            15 
_struct_conn.ptnr2_label_atom_id           N 
_struct_conn.pdbx_ptnr2_label_alt_id       ? 
_struct_conn.pdbx_ptnr2_PDB_ins_code       ? 
_struct_conn.ptnr1_auth_asym_id            A 
_struct_conn.ptnr1_auth_comp_id            PRO 
_struct_conn.ptnr1_auth_seq_id             14 
_struct_conn.ptnr2_auth_asym_id            A 
_struct_conn.ptnr2_auth_comp_id            NH2 
_struct_conn.ptnr2_auth_seq_id             15 
_struct_conn.ptnr2_symmetry                1_555 
_struct_conn.pdbx_ptnr3_label_atom_id      ? 
_struct_conn.pdbx_ptnr3_label_seq_id       ? 
_struct_conn.pdbx_ptnr3_label_comp_id      ? 
_struct_conn.pdbx_ptnr3_label_asym_id      ? 
_struct_conn.pdbx_ptnr3_label_alt_id       ? 
_struct_conn.pdbx_ptnr3_PDB_ins_code       ? 
_struct_conn.details                       ? 
_struct_conn.pdbx_dist_value               1.325 
_struct_conn.pdbx_value_order              ? 
_struct_conn.pdbx_role                     ? 
# 
_struct_conn_type.id          covale 
_struct_conn_type.criteria    ? 
_struct_conn_type.reference   ? 
# 
_pdbx_modification_feature.ordinal                            1 
_pdbx_modification_feature.label_comp_id                      NH2 
_pdbx_modification_feature.label_asym_id                      A 
_pdbx_modification_feature.label_seq_id                       15 
_pdbx_modification_feature.label_alt_id                       ? 
_pdbx_modification_feature.modified_residue_label_comp_id     PRO 
_pdbx_modification_feature.modified_residue_label_asym_id     A 
_pdbx_modification_feature.modified_residue_label_seq_id      14 
_pdbx_modification_feature.modified_residue_label_alt_id      ? 
_pdbx_modification_feature.auth_comp_id                       NH2 
_pdbx_modification_feature.auth_asym_id                       A 
_pdbx_modification_feature.auth_seq_id                        15 
_pdbx_modification_feature.PDB_ins_code                       ? 
_pdbx_modification_feature.symmetry                           1_555 
_pdbx_modification_feature.modified_residue_auth_comp_id      PRO 
_pdbx_modification_feature.modified_residue_auth_asym_id      A 
_pdbx_modification_feature.modified_residue_auth_seq_id       14 
_pdbx_modification_feature.modified_residue_PDB_ins_code      ? 
_pdbx_modification_feature.modified_residue_symmetry          1_555 
_pdbx_modification_feature.comp_id_linking_atom               . 
_pdbx_modification_feature.modified_residue_id_linking_atom   . 
_pdbx_modification_feature.modified_residue_id                PRO 
_pdbx_modification_feature.ref_pcm_id                         13 
_pdbx_modification_feature.ref_comp_id                        NH2 
_pdbx_modification_feature.type                               None 
_pdbx_modification_feature.category                           'Terminal amidation' 
# 
_pdbx_entry_details.entry_id                   2MSA 
_pdbx_entry_details.compound_details           ? 
_pdbx_entry_details.source_details             ? 
_pdbx_entry_details.nonpolymer_details         ? 
_pdbx_entry_details.sequence_details           ? 
_pdbx_entry_details.has_ligand_of_interest     ? 
_pdbx_entry_details.has_protein_modification   Y 
# 
_pdbx_validate_rmsd_bond.id                        1 
_pdbx_validate_rmsd_bond.PDB_model_num             1 
_pdbx_validate_rmsd_bond.auth_atom_id_1            CD 
_pdbx_validate_rmsd_bond.auth_asym_id_1            A 
_pdbx_validate_rmsd_bond.auth_comp_id_1            GLU 
_pdbx_validate_rmsd_bond.auth_seq_id_1             8 
_pdbx_validate_rmsd_bond.PDB_ins_code_1            ? 
_pdbx_validate_rmsd_bond.label_alt_id_1            ? 
_pdbx_validate_rmsd_bond.auth_atom_id_2            OE2 
_pdbx_validate_rmsd_bond.auth_asym_id_2            A 
_pdbx_validate_rmsd_bond.auth_comp_id_2            GLU 
_pdbx_validate_rmsd_bond.auth_seq_id_2             8 
_pdbx_validate_rmsd_bond.PDB_ins_code_2            ? 
_pdbx_validate_rmsd_bond.label_alt_id_2            ? 
_pdbx_validate_rmsd_bond.bond_value                1.372 
_pdbx_validate_rmsd_bond.bond_target_value         1.252 
_pdbx_validate_rmsd_bond.bond_deviation            0.120 
_pdbx_validate_rmsd_bond.bond_standard_deviation   0.011 
_pdbx_validate_rmsd_bond.linker_flag               N 
# 
_pdbx_validate_rmsd_angle.id                         1 
_pdbx_validate_rmsd_angle.PDB_model_num              1 
_pdbx_validate_rmsd_angle.auth_atom_id_1             CA 
_pdbx_validate_rmsd_angle.auth_asym_id_1             A 
_pdbx_validate_rmsd_angle.auth_comp_id_1             PRO 
_pdbx_validate_rmsd_angle.auth_seq_id_1              10 
_pdbx_validate_rmsd_angle.PDB_ins_code_1             ? 
_pdbx_validate_rmsd_angle.label_alt_id_1             ? 
_pdbx_validate_rmsd_angle.auth_atom_id_2             N 
_pdbx_validate_rmsd_angle.auth_asym_id_2             A 
_pdbx_validate_rmsd_angle.auth_comp_id_2             PRO 
_pdbx_validate_rmsd_angle.auth_seq_id_2              10 
_pdbx_validate_rmsd_angle.PDB_ins_code_2             ? 
_pdbx_validate_rmsd_angle.label_alt_id_2             ? 
_pdbx_validate_rmsd_angle.auth_atom_id_3             CD 
_pdbx_validate_rmsd_angle.auth_asym_id_3             A 
_pdbx_validate_rmsd_angle.auth_comp_id_3             PRO 
_pdbx_validate_rmsd_angle.auth_seq_id_3              10 
_pdbx_validate_rmsd_angle.PDB_ins_code_3             ? 
_pdbx_validate_rmsd_angle.label_alt_id_3             ? 
_pdbx_validate_rmsd_angle.angle_value                101.80 
_pdbx_validate_rmsd_angle.angle_target_value         111.70 
_pdbx_validate_rmsd_angle.angle_deviation            -9.90 
_pdbx_validate_rmsd_angle.angle_standard_deviation   1.40 
_pdbx_validate_rmsd_angle.linker_flag                N 
# 
_pdbx_nmr_ensemble.average_constraint_violations_per_residue     ? 
_pdbx_nmr_ensemble.average_constraints_per_residue               ? 
_pdbx_nmr_ensemble.average_distance_constraint_violation         ? 
_pdbx_nmr_ensemble.average_torsion_angle_constraint_violation    ? 
_pdbx_nmr_ensemble.conformer_selection_criteria                  'structures with the least restraint violations' 
_pdbx_nmr_ensemble.conformers_calculated_total_number            50 
_pdbx_nmr_ensemble.conformers_submitted_total_number             1 
_pdbx_nmr_ensemble.distance_constraint_violation_method          ? 
_pdbx_nmr_ensemble.entry_id                                      2MSA 
_pdbx_nmr_ensemble.maximum_distance_constraint_violation         ? 
_pdbx_nmr_ensemble.maximum_lower_distance_constraint_violation   ? 
_pdbx_nmr_ensemble.maximum_torsion_angle_constraint_violation    ? 
_pdbx_nmr_ensemble.maximum_upper_distance_constraint_violation   ? 
_pdbx_nmr_ensemble.torsion_angle_constraint_violation_method     ? 
# 
_pdbx_nmr_representative.conformer_id         1 
_pdbx_nmr_representative.entry_id             2MSA 
_pdbx_nmr_representative.selection_criteria   ? 
# 
_pdbx_nmr_sample_details.contents         '8 mM protein, trifluoroethanol/water' 
_pdbx_nmr_sample_details.solution_id      1 
_pdbx_nmr_sample_details.solvent_system   trifluoroethanol/water 
# 
_pdbx_nmr_exptl_sample.component             entity-1 
_pdbx_nmr_exptl_sample.concentration         8 
_pdbx_nmr_exptl_sample.concentration_range   ? 
_pdbx_nmr_exptl_sample.concentration_units   mM 
_pdbx_nmr_exptl_sample.isotopic_labeling     ? 
_pdbx_nmr_exptl_sample.solution_id           1 
# 
_pdbx_nmr_exptl_sample_conditions.conditions_id       1 
_pdbx_nmr_exptl_sample_conditions.ionic_strength      ? 
_pdbx_nmr_exptl_sample_conditions.pH                  3.7 
_pdbx_nmr_exptl_sample_conditions.pressure            ambient 
_pdbx_nmr_exptl_sample_conditions.pressure_units      ? 
_pdbx_nmr_exptl_sample_conditions.temperature         295 
_pdbx_nmr_exptl_sample_conditions.temperature_units   K 
# 
loop_
_pdbx_nmr_exptl.conditions_id 
_pdbx_nmr_exptl.experiment_id 
_pdbx_nmr_exptl.solution_id 
_pdbx_nmr_exptl.type 
1 1 1 '2D DQF-COSY'    
1 2 1 '2D 1H-1H TOCSY' 
1 3 1 '2D 1H-1H NOESY' 
# 
_pdbx_nmr_refine.entry_id           2MSA 
_pdbx_nmr_refine.method             'distance geometry, simulated annealing' 
_pdbx_nmr_refine.details            ? 
_pdbx_nmr_refine.software_ordinal   1 
# 
loop_
_pdbx_nmr_software.authors 
_pdbx_nmr_software.classification 
_pdbx_nmr_software.name 
_pdbx_nmr_software.version 
_pdbx_nmr_software.ordinal 
'Accelrys Software Inc.' 'geometry optimization' 'Insight II' ? 1 
'Accelrys Software Inc.' refinement              'Insight II' ? 2 
# 
loop_
_chem_comp_atom.comp_id 
_chem_comp_atom.atom_id 
_chem_comp_atom.type_symbol 
_chem_comp_atom.pdbx_aromatic_flag 
_chem_comp_atom.pdbx_stereo_config 
_chem_comp_atom.pdbx_ordinal 
ALA N    N N N 1   
ALA CA   C N S 2   
ALA C    C N N 3   
ALA O    O N N 4   
ALA CB   C N N 5   
ALA OXT  O N N 6   
ALA H    H N N 7   
ALA H2   H N N 8   
ALA HA   H N N 9   
ALA HB1  H N N 10  
ALA HB2  H N N 11  
ALA HB3  H N N 12  
ALA HXT  H N N 13  
ASN N    N N N 14  
ASN CA   C N S 15  
ASN C    C N N 16  
ASN O    O N N 17  
ASN CB   C N N 18  
ASN CG   C N N 19  
ASN OD1  O N N 20  
ASN ND2  N N N 21  
ASN OXT  O N N 22  
ASN H    H N N 23  
ASN H2   H N N 24  
ASN HA   H N N 25  
ASN HB2  H N N 26  
ASN HB3  H N N 27  
ASN HD21 H N N 28  
ASN HD22 H N N 29  
ASN HXT  H N N 30  
GLU N    N N N 31  
GLU CA   C N S 32  
GLU C    C N N 33  
GLU O    O N N 34  
GLU CB   C N N 35  
GLU CG   C N N 36  
GLU CD   C N N 37  
GLU OE1  O N N 38  
GLU OE2  O N N 39  
GLU OXT  O N N 40  
GLU H    H N N 41  
GLU H2   H N N 42  
GLU HA   H N N 43  
GLU HB2  H N N 44  
GLU HB3  H N N 45  
GLU HG2  H N N 46  
GLU HG3  H N N 47  
GLU HE2  H N N 48  
GLU HXT  H N N 49  
GLY N    N N N 50  
GLY CA   C N N 51  
GLY C    C N N 52  
GLY O    O N N 53  
GLY OXT  O N N 54  
GLY H    H N N 55  
GLY H2   H N N 56  
GLY HA2  H N N 57  
GLY HA3  H N N 58  
GLY HXT  H N N 59  
LEU N    N N N 60  
LEU CA   C N S 61  
LEU C    C N N 62  
LEU O    O N N 63  
LEU CB   C N N 64  
LEU CG   C N N 65  
LEU CD1  C N N 66  
LEU CD2  C N N 67  
LEU OXT  O N N 68  
LEU H    H N N 69  
LEU H2   H N N 70  
LEU HA   H N N 71  
LEU HB2  H N N 72  
LEU HB3  H N N 73  
LEU HG   H N N 74  
LEU HD11 H N N 75  
LEU HD12 H N N 76  
LEU HD13 H N N 77  
LEU HD21 H N N 78  
LEU HD22 H N N 79  
LEU HD23 H N N 80  
LEU HXT  H N N 81  
LYS N    N N N 82  
LYS CA   C N S 83  
LYS C    C N N 84  
LYS O    O N N 85  
LYS CB   C N N 86  
LYS CG   C N N 87  
LYS CD   C N N 88  
LYS CE   C N N 89  
LYS NZ   N N N 90  
LYS OXT  O N N 91  
LYS H    H N N 92  
LYS H2   H N N 93  
LYS HA   H N N 94  
LYS HB2  H N N 95  
LYS HB3  H N N 96  
LYS HG2  H N N 97  
LYS HG3  H N N 98  
LYS HD2  H N N 99  
LYS HD3  H N N 100 
LYS HE2  H N N 101 
LYS HE3  H N N 102 
LYS HZ1  H N N 103 
LYS HZ2  H N N 104 
LYS HZ3  H N N 105 
LYS HXT  H N N 106 
NH2 N    N N N 107 
NH2 HN1  H N N 108 
NH2 HN2  H N N 109 
PHE N    N N N 110 
PHE CA   C N S 111 
PHE C    C N N 112 
PHE O    O N N 113 
PHE CB   C N N 114 
PHE CG   C Y N 115 
PHE CD1  C Y N 116 
PHE CD2  C Y N 117 
PHE CE1  C Y N 118 
PHE CE2  C Y N 119 
PHE CZ   C Y N 120 
PHE OXT  O N N 121 
PHE H    H N N 122 
PHE H2   H N N 123 
PHE HA   H N N 124 
PHE HB2  H N N 125 
PHE HB3  H N N 126 
PHE HD1  H N N 127 
PHE HD2  H N N 128 
PHE HE1  H N N 129 
PHE HE2  H N N 130 
PHE HZ   H N N 131 
PHE HXT  H N N 132 
PRO N    N N N 133 
PRO CA   C N S 134 
PRO C    C N N 135 
PRO O    O N N 136 
PRO CB   C N N 137 
PRO CG   C N N 138 
PRO CD   C N N 139 
PRO OXT  O N N 140 
PRO H    H N N 141 
PRO HA   H N N 142 
PRO HB2  H N N 143 
PRO HB3  H N N 144 
PRO HG2  H N N 145 
PRO HG3  H N N 146 
PRO HD2  H N N 147 
PRO HD3  H N N 148 
PRO HXT  H N N 149 
SER N    N N N 150 
SER CA   C N S 151 
SER C    C N N 152 
SER O    O N N 153 
SER CB   C N N 154 
SER OG   O N N 155 
SER OXT  O N N 156 
SER H    H N N 157 
SER H2   H N N 158 
SER HA   H N N 159 
SER HB2  H N N 160 
SER HB3  H N N 161 
SER HG   H N N 162 
SER HXT  H N N 163 
# 
loop_
_chem_comp_bond.comp_id 
_chem_comp_bond.atom_id_1 
_chem_comp_bond.atom_id_2 
_chem_comp_bond.value_order 
_chem_comp_bond.pdbx_aromatic_flag 
_chem_comp_bond.pdbx_stereo_config 
_chem_comp_bond.pdbx_ordinal 
ALA N   CA   sing N N 1   
ALA N   H    sing N N 2   
ALA N   H2   sing N N 3   
ALA CA  C    sing N N 4   
ALA CA  CB   sing N N 5   
ALA CA  HA   sing N N 6   
ALA C   O    doub N N 7   
ALA C   OXT  sing N N 8   
ALA CB  HB1  sing N N 9   
ALA CB  HB2  sing N N 10  
ALA CB  HB3  sing N N 11  
ALA OXT HXT  sing N N 12  
ASN N   CA   sing N N 13  
ASN N   H    sing N N 14  
ASN N   H2   sing N N 15  
ASN CA  C    sing N N 16  
ASN CA  CB   sing N N 17  
ASN CA  HA   sing N N 18  
ASN C   O    doub N N 19  
ASN C   OXT  sing N N 20  
ASN CB  CG   sing N N 21  
ASN CB  HB2  sing N N 22  
ASN CB  HB3  sing N N 23  
ASN CG  OD1  doub N N 24  
ASN CG  ND2  sing N N 25  
ASN ND2 HD21 sing N N 26  
ASN ND2 HD22 sing N N 27  
ASN OXT HXT  sing N N 28  
GLU N   CA   sing N N 29  
GLU N   H    sing N N 30  
GLU N   H2   sing N N 31  
GLU CA  C    sing N N 32  
GLU CA  CB   sing N N 33  
GLU CA  HA   sing N N 34  
GLU C   O    doub N N 35  
GLU C   OXT  sing N N 36  
GLU CB  CG   sing N N 37  
GLU CB  HB2  sing N N 38  
GLU CB  HB3  sing N N 39  
GLU CG  CD   sing N N 40  
GLU CG  HG2  sing N N 41  
GLU CG  HG3  sing N N 42  
GLU CD  OE1  doub N N 43  
GLU CD  OE2  sing N N 44  
GLU OE2 HE2  sing N N 45  
GLU OXT HXT  sing N N 46  
GLY N   CA   sing N N 47  
GLY N   H    sing N N 48  
GLY N   H2   sing N N 49  
GLY CA  C    sing N N 50  
GLY CA  HA2  sing N N 51  
GLY CA  HA3  sing N N 52  
GLY C   O    doub N N 53  
GLY C   OXT  sing N N 54  
GLY OXT HXT  sing N N 55  
LEU N   CA   sing N N 56  
LEU N   H    sing N N 57  
LEU N   H2   sing N N 58  
LEU CA  C    sing N N 59  
LEU CA  CB   sing N N 60  
LEU CA  HA   sing N N 61  
LEU C   O    doub N N 62  
LEU C   OXT  sing N N 63  
LEU CB  CG   sing N N 64  
LEU CB  HB2  sing N N 65  
LEU CB  HB3  sing N N 66  
LEU CG  CD1  sing N N 67  
LEU CG  CD2  sing N N 68  
LEU CG  HG   sing N N 69  
LEU CD1 HD11 sing N N 70  
LEU CD1 HD12 sing N N 71  
LEU CD1 HD13 sing N N 72  
LEU CD2 HD21 sing N N 73  
LEU CD2 HD22 sing N N 74  
LEU CD2 HD23 sing N N 75  
LEU OXT HXT  sing N N 76  
LYS N   CA   sing N N 77  
LYS N   H    sing N N 78  
LYS N   H2   sing N N 79  
LYS CA  C    sing N N 80  
LYS CA  CB   sing N N 81  
LYS CA  HA   sing N N 82  
LYS C   O    doub N N 83  
LYS C   OXT  sing N N 84  
LYS CB  CG   sing N N 85  
LYS CB  HB2  sing N N 86  
LYS CB  HB3  sing N N 87  
LYS CG  CD   sing N N 88  
LYS CG  HG2  sing N N 89  
LYS CG  HG3  sing N N 90  
LYS CD  CE   sing N N 91  
LYS CD  HD2  sing N N 92  
LYS CD  HD3  sing N N 93  
LYS CE  NZ   sing N N 94  
LYS CE  HE2  sing N N 95  
LYS CE  HE3  sing N N 96  
LYS NZ  HZ1  sing N N 97  
LYS NZ  HZ2  sing N N 98  
LYS NZ  HZ3  sing N N 99  
LYS OXT HXT  sing N N 100 
NH2 N   HN1  sing N N 101 
NH2 N   HN2  sing N N 102 
PHE N   CA   sing N N 103 
PHE N   H    sing N N 104 
PHE N   H2   sing N N 105 
PHE CA  C    sing N N 106 
PHE CA  CB   sing N N 107 
PHE CA  HA   sing N N 108 
PHE C   O    doub N N 109 
PHE C   OXT  sing N N 110 
PHE CB  CG   sing N N 111 
PHE CB  HB2  sing N N 112 
PHE CB  HB3  sing N N 113 
PHE CG  CD1  doub Y N 114 
PHE CG  CD2  sing Y N 115 
PHE CD1 CE1  sing Y N 116 
PHE CD1 HD1  sing N N 117 
PHE CD2 CE2  doub Y N 118 
PHE CD2 HD2  sing N N 119 
PHE CE1 CZ   doub Y N 120 
PHE CE1 HE1  sing N N 121 
PHE CE2 CZ   sing Y N 122 
PHE CE2 HE2  sing N N 123 
PHE CZ  HZ   sing N N 124 
PHE OXT HXT  sing N N 125 
PRO N   CA   sing N N 126 
PRO N   CD   sing N N 127 
PRO N   H    sing N N 128 
PRO CA  C    sing N N 129 
PRO CA  CB   sing N N 130 
PRO CA  HA   sing N N 131 
PRO C   O    doub N N 132 
PRO C   OXT  sing N N 133 
PRO CB  CG   sing N N 134 
PRO CB  HB2  sing N N 135 
PRO CB  HB3  sing N N 136 
PRO CG  CD   sing N N 137 
PRO CG  HG2  sing N N 138 
PRO CG  HG3  sing N N 139 
PRO CD  HD2  sing N N 140 
PRO CD  HD3  sing N N 141 
PRO OXT HXT  sing N N 142 
SER N   CA   sing N N 143 
SER N   H    sing N N 144 
SER N   H2   sing N N 145 
SER CA  C    sing N N 146 
SER CA  CB   sing N N 147 
SER CA  HA   sing N N 148 
SER C   O    doub N N 149 
SER C   OXT  sing N N 150 
SER CB  OG   sing N N 151 
SER CB  HB2  sing N N 152 
SER CB  HB3  sing N N 153 
SER OG  HG   sing N N 154 
SER OXT HXT  sing N N 155 
# 
_pdbx_nmr_spectrometer.field_strength    600 
_pdbx_nmr_spectrometer.manufacturer      Bruker 
_pdbx_nmr_spectrometer.model             DRX 
_pdbx_nmr_spectrometer.spectrometer_id   1 
_pdbx_nmr_spectrometer.type              'Bruker DRX' 
# 
_atom_sites.entry_id                    2MSA 
_atom_sites.fract_transf_matrix[1][1]   1.000000 
_atom_sites.fract_transf_matrix[1][2]   0.000000 
_atom_sites.fract_transf_matrix[1][3]   0.000000 
_atom_sites.fract_transf_matrix[2][1]   0.000000 
_atom_sites.fract_transf_matrix[2][2]   1.000000 
_atom_sites.fract_transf_matrix[2][3]   0.000000 
_atom_sites.fract_transf_matrix[3][1]   0.000000 
_atom_sites.fract_transf_matrix[3][2]   0.000000 
_atom_sites.fract_transf_matrix[3][3]   1.000000 
_atom_sites.fract_transf_vector[1]      0.00000 
_atom_sites.fract_transf_vector[2]      0.00000 
_atom_sites.fract_transf_vector[3]      0.00000 
# 
loop_
_atom_type.symbol 
C 
H 
N 
O 
# 
loop_
_atom_site.group_PDB 
_atom_site.id 
_atom_site.type_symbol 
_atom_site.label_atom_id 
_atom_site.label_alt_id 
_atom_site.label_comp_id 
_atom_site.label_asym_id 
_atom_site.label_entity_id 
_atom_site.label_seq_id 
_atom_site.pdbx_PDB_ins_code 
_atom_site.Cartn_x 
_atom_site.Cartn_y 
_atom_site.Cartn_z 
_atom_site.occupancy 
_atom_site.B_iso_or_equiv 
_atom_site.pdbx_formal_charge 
_atom_site.auth_seq_id 
_atom_site.auth_comp_id 
_atom_site.auth_asym_id 
_atom_site.auth_atom_id 
_atom_site.pdbx_PDB_model_num 
ATOM   1   N N    . LYS A 1 1  ? -8.465  -4.164 -18.356 1.00 0.00 ? 1  LYS A N    1 
ATOM   2   C CA   . LYS A 1 1  ? -8.742  -3.998 -16.913 1.00 0.00 ? 1  LYS A CA   1 
ATOM   3   C C    . LYS A 1 1  ? -7.446  -3.499 -16.219 1.00 0.00 ? 1  LYS A C    1 
ATOM   4   O O    . LYS A 1 1  ? -6.463  -4.241 -16.106 1.00 0.00 ? 1  LYS A O    1 
ATOM   5   C CB   . LYS A 1 1  ? -9.293  -5.326 -16.332 1.00 0.00 ? 1  LYS A CB   1 
ATOM   6   C CG   . LYS A 1 1  ? -9.816  -5.223 -14.879 1.00 0.00 ? 1  LYS A CG   1 
ATOM   7   C CD   . LYS A 1 1  ? -10.434 -6.523 -14.315 1.00 0.00 ? 1  LYS A CD   1 
ATOM   8   C CE   . LYS A 1 1  ? -9.472  -7.707 -14.074 1.00 0.00 ? 1  LYS A CE   1 
ATOM   9   N NZ   . LYS A 1 1  ? -8.491  -7.457 -13.000 1.00 0.00 ? 1  LYS A NZ   1 
ATOM   10  H H1   . LYS A 1 1  ? -9.307  -4.495 -18.840 1.00 0.00 ? 1  LYS A H1   1 
ATOM   11  H H2   . LYS A 1 1  ? -7.759  -4.895 -18.497 1.00 0.00 ? 1  LYS A H2   1 
ATOM   12  H HA   . LYS A 1 1  ? -9.545  -3.238 -16.828 1.00 0.00 ? 1  LYS A HA   1 
ATOM   13  H HB2  . LYS A 1 1  ? -10.125 -5.690 -16.967 1.00 0.00 ? 1  LYS A HB2  1 
ATOM   14  H HB3  . LYS A 1 1  ? -8.516  -6.114 -16.393 1.00 0.00 ? 1  LYS A HB3  1 
ATOM   15  H HG2  . LYS A 1 1  ? -9.008  -4.875 -14.208 1.00 0.00 ? 1  LYS A HG2  1 
ATOM   16  H HG3  . LYS A 1 1  ? -10.585 -4.428 -14.836 1.00 0.00 ? 1  LYS A HG3  1 
ATOM   17  H HD2  . LYS A 1 1  ? -10.954 -6.285 -13.368 1.00 0.00 ? 1  LYS A HD2  1 
ATOM   18  H HD3  . LYS A 1 1  ? -11.240 -6.856 -14.995 1.00 0.00 ? 1  LYS A HD3  1 
ATOM   19  H HE2  . LYS A 1 1  ? -10.063 -8.602 -13.805 1.00 0.00 ? 1  LYS A HE2  1 
ATOM   20  H HE3  . LYS A 1 1  ? -8.939  -7.975 -15.005 1.00 0.00 ? 1  LYS A HE3  1 
ATOM   21  H HZ2  . LYS A 1 1  ? -8.978  -7.294 -12.111 1.00 0.00 ? 1  LYS A HZ2  1 
ATOM   22  H HZ3  . LYS A 1 1  ? -7.914  -8.291 -12.850 1.00 0.00 ? 1  LYS A HZ3  1 
ATOM   23  N N    . ASN A 1 2  ? -7.468  -2.240 -15.741 1.00 0.00 ? 2  ASN A N    1 
ATOM   24  C CA   . ASN A 1 2  ? -6.293  -1.582 -15.119 1.00 0.00 ? 2  ASN A CA   1 
ATOM   25  C C    . ASN A 1 2  ? -6.163  -1.994 -13.625 1.00 0.00 ? 2  ASN A C    1 
ATOM   26  O O    . ASN A 1 2  ? -7.061  -1.733 -12.817 1.00 0.00 ? 2  ASN A O    1 
ATOM   27  C CB   . ASN A 1 2  ? -6.379  -0.034 -15.260 1.00 0.00 ? 2  ASN A CB   1 
ATOM   28  C CG   . ASN A 1 2  ? -6.073  0.529  -16.664 1.00 0.00 ? 2  ASN A CG   1 
ATOM   29  O OD1  . ASN A 1 2  ? -4.965  0.983  -16.945 1.00 0.00 ? 2  ASN A OD1  1 
ATOM   30  N ND2  . ASN A 1 2  ? -7.043  0.513  -17.565 1.00 0.00 ? 2  ASN A ND2  1 
ATOM   31  H H    . ASN A 1 2  ? -8.287  -1.690 -16.004 1.00 0.00 ? 2  ASN A H    1 
ATOM   32  H HA   . ASN A 1 2  ? -5.406  -1.896 -15.693 1.00 0.00 ? 2  ASN A HA   1 
ATOM   33  H HB2  . ASN A 1 2  ? -7.361  0.339  -14.903 1.00 0.00 ? 2  ASN A HB2  1 
ATOM   34  H HB3  . ASN A 1 2  ? -5.650  0.433  -14.570 1.00 0.00 ? 2  ASN A HB3  1 
ATOM   35  H HD21 . ASN A 1 2  ? -7.903  0.032  -17.283 1.00 0.00 ? 2  ASN A HD21 1 
ATOM   36  H HD22 . ASN A 1 2  ? -6.813  0.876  -18.496 1.00 0.00 ? 2  ASN A HD22 1 
ATOM   37  N N    . SER A 1 3  ? -5.022  -2.617 -13.275 1.00 0.00 ? 3  SER A N    1 
ATOM   38  C CA   . SER A 1 3  ? -4.737  -3.077 -11.897 1.00 0.00 ? 3  SER A CA   1 
ATOM   39  C C    . SER A 1 3  ? -4.279  -1.911 -10.975 1.00 0.00 ? 3  SER A C    1 
ATOM   40  O O    . SER A 1 3  ? -3.260  -1.264 -11.237 1.00 0.00 ? 3  SER A O    1 
ATOM   41  C CB   . SER A 1 3  ? -3.720  -4.225 -11.941 1.00 0.00 ? 3  SER A CB   1 
ATOM   42  O OG   . SER A 1 3  ? -3.524  -4.793 -10.650 1.00 0.00 ? 3  SER A OG   1 
ATOM   43  H H    . SER A 1 3  ? -4.408  -2.877 -14.048 1.00 0.00 ? 3  SER A H    1 
ATOM   44  H HA   . SER A 1 3  ? -5.639  -3.559 -11.518 1.00 0.00 ? 3  SER A HA   1 
ATOM   45  H HB2  . SER A 1 3  ? -4.046  -5.026 -12.635 1.00 0.00 ? 3  SER A HB2  1 
ATOM   46  H HB3  . SER A 1 3  ? -2.770  -3.836 -12.318 1.00 0.00 ? 3  SER A HB3  1 
ATOM   47  H HG   . SER A 1 3  ? -4.380  -5.131 -10.378 1.00 0.00 ? 3  SER A HG   1 
ATOM   48  N N    . PHE A 1 4  ? -5.036  -1.677 -9.886  1.00 0.00 ? 4  PHE A N    1 
ATOM   49  C CA   . PHE A 1 4  ? -4.742  -0.605 -8.906  1.00 0.00 ? 4  PHE A CA   1 
ATOM   50  C C    . PHE A 1 4  ? -3.586  -1.002 -7.939  1.00 0.00 ? 4  PHE A C    1 
ATOM   51  O O    . PHE A 1 4  ? -3.630  -2.057 -7.297  1.00 0.00 ? 4  PHE A O    1 
ATOM   52  C CB   . PHE A 1 4  ? -6.038  -0.212 -8.159  1.00 0.00 ? 4  PHE A CB   1 
ATOM   53  C CG   . PHE A 1 4  ? -5.919  0.988  -7.196  1.00 0.00 ? 4  PHE A CG   1 
ATOM   54  C CD1  . PHE A 1 4  ? -5.985  2.297  -7.686  1.00 0.00 ? 4  PHE A CD1  1 
ATOM   55  C CD2  . PHE A 1 4  ? -5.685  0.778  -5.831  1.00 0.00 ? 4  PHE A CD2  1 
ATOM   56  C CE1  . PHE A 1 4  ? -5.814  3.379  -6.824  1.00 0.00 ? 4  PHE A CE1  1 
ATOM   57  C CE2  . PHE A 1 4  ? -5.511  1.861  -4.974  1.00 0.00 ? 4  PHE A CE2  1 
ATOM   58  C CZ   . PHE A 1 4  ? -5.575  3.160  -5.470  1.00 0.00 ? 4  PHE A CZ   1 
ATOM   59  H H    . PHE A 1 4  ? -5.909  -2.204 -9.836  1.00 0.00 ? 4  PHE A H    1 
ATOM   60  H HA   . PHE A 1 4  ? -4.494  0.290  -9.477  1.00 0.00 ? 4  PHE A HA   1 
ATOM   61  H HB2  . PHE A 1 4  ? -6.846  -0.002 -8.887  1.00 0.00 ? 4  PHE A HB2  1 
ATOM   62  H HB3  . PHE A 1 4  ? -6.381  -1.101 -7.621  1.00 0.00 ? 4  PHE A HB3  1 
ATOM   63  H HD1  . PHE A 1 4  ? -6.154  2.481  -8.738  1.00 0.00 ? 4  PHE A HD1  1 
ATOM   64  H HD2  . PHE A 1 4  ? -5.614  -0.225 -5.436  1.00 0.00 ? 4  PHE A HD2  1 
ATOM   65  H HE1  . PHE A 1 4  ? -5.861  4.388  -7.208  1.00 0.00 ? 4  PHE A HE1  1 
ATOM   66  H HE2  . PHE A 1 4  ? -5.318  1.694  -3.924  1.00 0.00 ? 4  PHE A HE2  1 
ATOM   67  H HZ   . PHE A 1 4  ? -5.438  3.999  -4.804  1.00 0.00 ? 4  PHE A HZ   1 
ATOM   68  N N    . SER A 1 5  ? -2.588  -0.106 -7.816  1.00 0.00 ? 5  SER A N    1 
ATOM   69  C CA   . SER A 1 5  ? -1.436  -0.294 -6.911  1.00 0.00 ? 5  SER A CA   1 
ATOM   70  C C    . SER A 1 5  ? -1.803  0.118  -5.457  1.00 0.00 ? 5  SER A C    1 
ATOM   71  O O    . SER A 1 5  ? -2.064  1.294  -5.178  1.00 0.00 ? 5  SER A O    1 
ATOM   72  C CB   . SER A 1 5  ? -0.217  0.462  -7.457  1.00 0.00 ? 5  SER A CB   1 
ATOM   73  O OG   . SER A 1 5  ? 0.943   0.203  -6.673  1.00 0.00 ? 5  SER A OG   1 
ATOM   74  H H    . SER A 1 5  ? -2.605  0.667  -8.481  1.00 0.00 ? 5  SER A H    1 
ATOM   75  H HA   . SER A 1 5  ? -1.128  -1.337 -6.973  1.00 0.00 ? 5  SER A HA   1 
ATOM   76  H HB2  . SER A 1 5  ? -0.007  0.181  -8.509  1.00 0.00 ? 5  SER A HB2  1 
ATOM   77  H HB3  . SER A 1 5  ? -0.436  1.534  -7.444  1.00 0.00 ? 5  SER A HB3  1 
ATOM   78  H HG   . SER A 1 5  ? 1.098   -0.742 -6.734  1.00 0.00 ? 5  SER A HG   1 
ATOM   79  N N    . LEU A 1 6  ? -1.806  -0.868 -4.540  1.00 0.00 ? 6  LEU A N    1 
ATOM   80  C CA   . LEU A 1 6  ? -2.132  -0.659 -3.114  1.00 0.00 ? 6  LEU A CA   1 
ATOM   81  C C    . LEU A 1 6  ? -0.913  -0.094 -2.332  1.00 0.00 ? 6  LEU A C    1 
ATOM   82  O O    . LEU A 1 6  ? 0.157   -0.716 -2.298  1.00 0.00 ? 6  LEU A O    1 
ATOM   83  C CB   . LEU A 1 6  ? -2.630  -1.980 -2.467  1.00 0.00 ? 6  LEU A CB   1 
ATOM   84  C CG   . LEU A 1 6  ? -4.031  -2.505 -2.915  1.00 0.00 ? 6  LEU A CG   1 
ATOM   85  C CD1  . LEU A 1 6  ? -4.261  -3.894 -2.309  1.00 0.00 ? 6  LEU A CD1  1 
ATOM   86  C CD2  . LEU A 1 6  ? -5.180  -1.559 -2.523  1.00 0.00 ? 6  LEU A CD2  1 
ATOM   87  H H    . LEU A 1 6  ? -1.667  -1.812 -4.899  1.00 0.00 ? 6  LEU A H    1 
ATOM   88  H HA   . LEU A 1 6  ? -2.982  0.033  -3.070  1.00 0.00 ? 6  LEU A HA   1 
ATOM   89  H HB2  . LEU A 1 6  ? -1.861  -2.764 -2.619  1.00 0.00 ? 6  LEU A HB2  1 
ATOM   90  H HB3  . LEU A 1 6  ? -2.653  -1.848 -1.366  1.00 0.00 ? 6  LEU A HB3  1 
ATOM   91  H HG   . LEU A 1 6  ? -4.090  -2.630 -4.014  1.00 0.00 ? 6  LEU A HG   1 
ATOM   92  H HD11 . LEU A 1 6  ? -5.232  -4.314 -2.628  1.00 0.00 ? 6  LEU A HD11 1 
ATOM   93  H HD12 . LEU A 1 6  ? -3.475  -4.600 -2.635  1.00 0.00 ? 6  LEU A HD12 1 
ATOM   94  H HD13 . LEU A 1 6  ? -4.248  -3.864 -1.204  1.00 0.00 ? 6  LEU A HD13 1 
ATOM   95  H HD21 . LEU A 1 6  ? -6.162  -1.975 -2.812  1.00 0.00 ? 6  LEU A HD21 1 
ATOM   96  H HD22 . LEU A 1 6  ? -5.199  -1.360 -1.436  1.00 0.00 ? 6  LEU A HD22 1 
ATOM   97  H HD23 . LEU A 1 6  ? -5.094  -0.585 -3.036  1.00 0.00 ? 6  LEU A HD23 1 
ATOM   98  N N    . GLY A 1 7  ? -1.101  1.076  -1.695  1.00 0.00 ? 7  GLY A N    1 
ATOM   99  C CA   . GLY A 1 7  ? -0.048  1.718  -0.873  1.00 0.00 ? 7  GLY A CA   1 
ATOM   100 C C    . GLY A 1 7  ? -0.140  1.298  0.606   1.00 0.00 ? 7  GLY A C    1 
ATOM   101 O O    . GLY A 1 7  ? -0.725  2.017  1.421   1.00 0.00 ? 7  GLY A O    1 
ATOM   102 H H    . GLY A 1 7  ? -2.036  1.485  -1.800  1.00 0.00 ? 7  GLY A H    1 
ATOM   103 H HA2  . GLY A 1 7  ? 0.964   1.529  -1.284  1.00 0.00 ? 7  GLY A HA2  1 
ATOM   104 H HA3  . GLY A 1 7  ? -0.176  2.815  -0.943  1.00 0.00 ? 7  GLY A HA3  1 
ATOM   105 N N    . GLU A 1 8  ? 0.479   0.150  0.935   1.00 0.00 ? 8  GLU A N    1 
ATOM   106 C CA   . GLU A 1 8  ? 0.490   -0.414 2.306   1.00 0.00 ? 8  GLU A CA   1 
ATOM   107 C C    . GLU A 1 8  ? 1.509   0.317  3.225   1.00 0.00 ? 8  GLU A C    1 
ATOM   108 O O    . GLU A 1 8  ? 2.700   0.404  2.905   1.00 0.00 ? 8  GLU A O    1 
ATOM   109 C CB   . GLU A 1 8  ? 0.832   -1.947 2.239   1.00 0.00 ? 8  GLU A CB   1 
ATOM   110 C CG   . GLU A 1 8  ? -0.110  -2.844 1.396   1.00 0.00 ? 8  GLU A CG   1 
ATOM   111 C CD   . GLU A 1 8  ? -1.554  -2.910 1.906   1.00 0.00 ? 8  GLU A CD   1 
ATOM   112 O OE1  . GLU A 1 8  ? -1.938  -3.721 2.748   1.00 0.00 ? 8  GLU A OE1  1 
ATOM   113 O OE2  . GLU A 1 8  ? -2.358  -1.965 1.318   1.00 0.00 ? 8  GLU A OE2  1 
ATOM   114 H H    . GLU A 1 8  ? 0.706   -0.450 0.141   1.00 0.00 ? 8  GLU A H    1 
ATOM   115 H HA   . GLU A 1 8  ? -0.547  -0.267 2.691   1.00 0.00 ? 8  GLU A HA   1 
ATOM   116 H HB2  . GLU A 1 8  ? 1.872   -2.102 1.882   1.00 0.00 ? 8  GLU A HB2  1 
ATOM   117 H HB3  . GLU A 1 8  ? 0.897   -2.380 3.249   1.00 0.00 ? 8  GLU A HB3  1 
ATOM   118 H HG2  . GLU A 1 8  ? -0.100  -2.523 0.337   1.00 0.00 ? 8  GLU A HG2  1 
ATOM   119 H HG3  . GLU A 1 8  ? 0.299   -3.871 1.379   1.00 0.00 ? 8  GLU A HG3  1 
ATOM   120 H HE2  . GLU A 1 8  ? -1.875  -1.426 0.688   1.00 0.00 ? 8  GLU A HE2  1 
ATOM   121 N N    . ASN A 1 9  ? 1.023   0.816  4.378   1.00 0.00 ? 9  ASN A N    1 
ATOM   122 C CA   . ASN A 1 9  ? 1.854   1.542  5.367   1.00 0.00 ? 9  ASN A CA   1 
ATOM   123 C C    . ASN A 1 9  ? 2.707   0.551  6.238   1.00 0.00 ? 9  ASN A C    1 
ATOM   124 O O    . ASN A 1 9  ? 2.104   -0.319 6.877   1.00 0.00 ? 9  ASN A O    1 
ATOM   125 C CB   . ASN A 1 9  ? 0.930   2.441  6.236   1.00 0.00 ? 9  ASN A CB   1 
ATOM   126 C CG   . ASN A 1 9  ? 1.658   3.374  7.229   1.00 0.00 ? 9  ASN A CG   1 
ATOM   127 O OD1  . ASN A 1 9  ? 1.825   3.043  8.402   1.00 0.00 ? 9  ASN A OD1  1 
ATOM   128 N ND2  . ASN A 1 9  ? 2.103   4.542  6.790   1.00 0.00 ? 9  ASN A ND2  1 
ATOM   129 H H    . ASN A 1 9  ? 0.008   0.777  4.479   1.00 0.00 ? 9  ASN A H    1 
ATOM   130 H HA   . ASN A 1 9  ? 2.485   2.233  4.792   1.00 0.00 ? 9  ASN A HA   1 
ATOM   131 H HB2  . ASN A 1 9  ? 0.279   3.058  5.583   1.00 0.00 ? 9  ASN A HB2  1 
ATOM   132 H HB3  . ASN A 1 9  ? 0.223   1.811  6.809   1.00 0.00 ? 9  ASN A HB3  1 
ATOM   133 H HD21 . ASN A 1 9  ? 1.910   4.770  5.808   1.00 0.00 ? 9  ASN A HD21 1 
ATOM   134 H HD22 . ASN A 1 9  ? 2.579   5.138  7.476   1.00 0.00 ? 9  ASN A HD22 1 
ATOM   135 N N    . PRO A 1 10 ? 4.058   0.714  6.379   1.00 0.00 ? 10 PRO A N    1 
ATOM   136 C CA   . PRO A 1 10 ? 4.942   -0.150 7.162   1.00 0.00 ? 10 PRO A CA   1 
ATOM   137 C C    . PRO A 1 10 ? 4.550   -0.585 8.599   1.00 0.00 ? 10 PRO A C    1 
ATOM   138 O O    . PRO A 1 10 ? 3.895   0.169  9.328   1.00 0.00 ? 10 PRO A O    1 
ATOM   139 C CB   . PRO A 1 10 ? 6.324   0.507  7.071   1.00 0.00 ? 10 PRO A CB   1 
ATOM   140 C CG   . PRO A 1 10 ? 6.174   1.629  6.074   1.00 0.00 ? 10 PRO A CG   1 
ATOM   141 C CD   . PRO A 1 10 ? 4.954   1.183  5.325   1.00 0.00 ? 10 PRO A CD   1 
ATOM   142 H HA   . PRO A 1 10 ? 5.029   -0.960 6.453   1.00 0.00 ? 10 PRO A HA   1 
ATOM   143 H HB2  . PRO A 1 10 ? 6.726   0.833  8.039   1.00 0.00 ? 10 PRO A HB2  1 
ATOM   144 H HB3  . PRO A 1 10 ? 7.026   -0.194 6.603   1.00 0.00 ? 10 PRO A HB3  1 
ATOM   145 H HG2  . PRO A 1 10 ? 5.928   2.560  6.569   1.00 0.00 ? 10 PRO A HG2  1 
ATOM   146 H HG3  . PRO A 1 10 ? 7.060   1.769  5.429   1.00 0.00 ? 10 PRO A HG3  1 
ATOM   147 H HD2  . PRO A 1 10 ? 4.549   1.945  4.757   1.00 0.00 ? 10 PRO A HD2  1 
ATOM   148 H HD3  . PRO A 1 10 ? 5.228   0.396  4.613   1.00 0.00 ? 10 PRO A HD3  1 
ATOM   149 N N    . ASN A 1 11 ? 5.004   -1.792 9.000   1.00 0.00 ? 11 ASN A N    1 
ATOM   150 C CA   . ASN A 1 11 ? 4.762   -2.350 10.358  1.00 0.00 ? 11 ASN A CA   1 
ATOM   151 C C    . ASN A 1 11 ? 5.402   -1.442 11.458  1.00 0.00 ? 11 ASN A C    1 
ATOM   152 O O    . ASN A 1 11 ? 6.614   -1.200 11.453  1.00 0.00 ? 11 ASN A O    1 
ATOM   153 C CB   . ASN A 1 11 ? 5.108   -3.865 10.400  1.00 0.00 ? 11 ASN A CB   1 
ATOM   154 C CG   . ASN A 1 11 ? 6.583   -4.278 10.538  1.00 0.00 ? 11 ASN A CG   1 
ATOM   155 O OD1  . ASN A 1 11 ? 7.278   -4.589 9.571   1.00 0.00 ? 11 ASN A OD1  1 
ATOM   156 N ND2  . ASN A 1 11 ? 7.054   -4.272 11.770  1.00 0.00 ? 11 ASN A ND2  1 
ATOM   157 H H    . ASN A 1 11 ? 5.469   -2.347 8.277   1.00 0.00 ? 11 ASN A H    1 
ATOM   158 H HA   . ASN A 1 11 ? 3.678   -2.359 10.512  1.00 0.00 ? 11 ASN A HA   1 
ATOM   159 H HB2  . ASN A 1 11 ? 4.531   -4.325 11.227  1.00 0.00 ? 11 ASN A HB2  1 
ATOM   160 H HB3  . ASN A 1 11 ? 4.690   -4.367 9.506   1.00 0.00 ? 11 ASN A HB3  1 
ATOM   161 H HD21 . ASN A 1 11 ? 6.405   -3.820 12.428  1.00 0.00 ? 11 ASN A HD21 1 
ATOM   162 H HD22 . ASN A 1 11 ? 8.060   -4.425 11.886  1.00 0.00 ? 11 ASN A HD22 1 
ATOM   163 N N    . ALA A 1 12 ? 4.552   -0.925 12.369  1.00 0.00 ? 12 ALA A N    1 
ATOM   164 C CA   . ALA A 1 12 ? 4.961   -0.023 13.489  1.00 0.00 ? 12 ALA A CA   1 
ATOM   165 C C    . ALA A 1 12 ? 5.619   1.327  13.022  1.00 0.00 ? 12 ALA A C    1 
ATOM   166 O O    . ALA A 1 12 ? 6.621   1.774  13.590  1.00 0.00 ? 12 ALA A O    1 
ATOM   167 C CB   . ALA A 1 12 ? 5.821   -0.806 14.537  1.00 0.00 ? 12 ALA A CB   1 
ATOM   168 H H    . ALA A 1 12 ? 3.574   -1.205 12.241  1.00 0.00 ? 12 ALA A H    1 
ATOM   169 H HA   . ALA A 1 12 ? 3.997   0.290  13.960  1.00 0.00 ? 12 ALA A HA   1 
ATOM   170 H HB1  . ALA A 1 12 ? 5.338   -1.737 14.891  1.00 0.00 ? 12 ALA A HB1  1 
ATOM   171 H HB2  . ALA A 1 12 ? 6.047   -0.208 15.440  1.00 0.00 ? 12 ALA A HB2  1 
ATOM   172 H HB3  . ALA A 1 12 ? 6.809   -1.115 14.134  1.00 0.00 ? 12 ALA A HB3  1 
ATOM   173 N N    . ASN A 1 13 ? 5.017   1.994  12.008  1.00 0.00 ? 13 ASN A N    1 
ATOM   174 C CA   . ASN A 1 13 ? 5.516   3.277  11.457  1.00 0.00 ? 13 ASN A CA   1 
ATOM   175 C C    . ASN A 1 13 ? 5.075   4.491  12.348  1.00 0.00 ? 13 ASN A C    1 
ATOM   176 O O    . ASN A 1 13 ? 3.873   4.600  12.619  1.00 0.00 ? 13 ASN A O    1 
ATOM   177 C CB   . ASN A 1 13 ? 5.011   3.399  9.990   1.00 0.00 ? 13 ASN A CB   1 
ATOM   178 C CG   . ASN A 1 13 ? 5.537   4.614  9.199   1.00 0.00 ? 13 ASN A CG   1 
ATOM   179 O OD1  . ASN A 1 13 ? 4.878   5.650  9.112   1.00 0.00 ? 13 ASN A OD1  1 
ATOM   180 N ND2  . ASN A 1 13 ? 6.722   4.518  8.615   1.00 0.00 ? 13 ASN A ND2  1 
ATOM   181 H H    . ASN A 1 13 ? 4.322   1.449  11.489  1.00 0.00 ? 13 ASN A H    1 
ATOM   182 H HA   . ASN A 1 13 ? 6.611   3.185  11.402  1.00 0.00 ? 13 ASN A HA   1 
ATOM   183 H HB2  . ASN A 1 13 ? 5.260   2.480  9.424   1.00 0.00 ? 13 ASN A HB2  1 
ATOM   184 H HB3  . ASN A 1 13 ? 3.905   3.434  9.980   1.00 0.00 ? 13 ASN A HB3  1 
ATOM   185 H HD21 . ASN A 1 13 ? 7.212   3.622  8.709   1.00 0.00 ? 13 ASN A HD21 1 
ATOM   186 H HD22 . ASN A 1 13 ? 7.044   5.343  8.094   1.00 0.00 ? 13 ASN A HD22 1 
ATOM   187 N N    . PRO A 1 14 ? 5.959   5.454  12.751  1.00 0.00 ? 14 PRO A N    1 
ATOM   188 C CA   . PRO A 1 14 ? 5.604   6.616  13.594  1.00 0.00 ? 14 PRO A CA   1 
ATOM   189 C C    . PRO A 1 14 ? 4.520   7.576  13.036  1.00 0.00 ? 14 PRO A C    1 
ATOM   190 O O    . PRO A 1 14 ? 4.612   8.080  11.916  1.00 0.00 ? 14 PRO A O    1 
ATOM   191 C CB   . PRO A 1 14 ? 6.924   7.314  13.922  1.00 0.00 ? 14 PRO A CB   1 
ATOM   192 C CG   . PRO A 1 14 ? 7.910   6.690  12.988  1.00 0.00 ? 14 PRO A CG   1 
ATOM   193 C CD   . PRO A 1 14 ? 7.412   5.287  12.788  1.00 0.00 ? 14 PRO A CD   1 
ATOM   194 H HA   . PRO A 1 14 ? 5.368   6.192  14.561  1.00 0.00 ? 14 PRO A HA   1 
ATOM   195 H HB2  . PRO A 1 14 ? 6.910   8.420  13.872  1.00 0.00 ? 14 PRO A HB2  1 
ATOM   196 H HB3  . PRO A 1 14 ? 7.272   7.005  14.916  1.00 0.00 ? 14 PRO A HB3  1 
ATOM   197 H HG2  . PRO A 1 14 ? 7.879   7.197  12.034  1.00 0.00 ? 14 PRO A HG2  1 
ATOM   198 H HG3  . PRO A 1 14 ? 8.906   6.714  13.431  1.00 0.00 ? 14 PRO A HG3  1 
ATOM   199 H HD2  . PRO A 1 14 ? 7.859   4.867  11.895  1.00 0.00 ? 14 PRO A HD2  1 
ATOM   200 H HD3  . PRO A 1 14 ? 7.690   4.693  13.661  1.00 0.00 ? 14 PRO A HD3  1 
HETATM 201 N N    . NH2 A 1 15 ? 3.477   7.843  13.809  1.00 0.00 ? 15 NH2 A N    1 
HETATM 202 H HN1  . NH2 A 1 15 ? 2.770   8.479  13.423  1.00 0.00 ? 15 NH2 A HN1  1 
HETATM 203 H HN2  . NH2 A 1 15 ? 3.461   7.392  14.730  1.00 0.00 ? 15 NH2 A HN2  1 
# 
